data_2ZL5
#
_entry.id   2ZL5
#
_cell.length_a   83.517
_cell.length_b   83.517
_cell.length_c   163.368
_cell.angle_alpha   90.00
_cell.angle_beta   90.00
_cell.angle_gamma   120.00
#
_symmetry.space_group_name_H-M   'P 31 2 1'
#
loop_
_entity.id
_entity.type
_entity.pdbx_description
1 polymer '58 kd capsid protein'
2 non-polymer 'CALCIUM ION'
3 non-polymer 'ACETATE ION'
4 non-polymer 'MAGNESIUM ION'
5 water water
#
_entity_poly.entity_id   1
_entity_poly.type   'polypeptide(L)'
_entity_poly.pdbx_seq_one_letter_code
;EQKTRPFTLPNLPLSSLSNSRAPLPISSMGISPDNVQSVQFQNGRCTLDGRLVGTTPVSLSHVAKIRGTSNGTVINLTEL
DGTPFHPFEGPAPIGFPDLGGCDWHINMTQFGHSSQTQYDVDTTPDTFVPHLGSIQANGIGSGNYVGVLSWISPPSHPSG
SQVDLWKIPNYGSSITEATHLAPSVYPPGFGEVLVFFMSKMPGPGAYNLPCLLPQEYISHLASEQAPTIGEAALLHYVDP
DTGRNLGEFKAYPDGFLTCVPNGASSGPQQLPINGVFVFVSWVSRFYQLKPVGTV
;
_entity_poly.pdbx_strand_id   A,B
#
loop_
_chem_comp.id
_chem_comp.type
_chem_comp.name
_chem_comp.formula
ACT non-polymer 'ACETATE ION' 'C2 H3 O2 -1'
CA non-polymer 'CALCIUM ION' 'Ca 2'
MG non-polymer 'MAGNESIUM ION' 'Mg 2'
#
# COMPACT_ATOMS: atom_id res chain seq x y z
N PHE A 7 -16.17 15.89 10.27
CA PHE A 7 -15.53 15.29 9.06
C PHE A 7 -14.04 15.48 9.09
N THR A 8 -13.29 14.43 8.70
CA THR A 8 -11.84 14.54 8.62
C THR A 8 -11.23 13.91 7.36
N LEU A 9 -10.11 14.49 6.94
CA LEU A 9 -9.17 13.87 6.00
C LEU A 9 -7.90 13.50 6.78
N PRO A 10 -7.08 12.59 6.25
CA PRO A 10 -5.87 12.20 7.00
C PRO A 10 -4.97 13.37 7.33
N ASN A 11 -4.52 13.41 8.58
CA ASN A 11 -3.56 14.42 9.00
C ASN A 11 -2.16 13.92 8.70
N LEU A 12 -1.85 13.82 7.41
CA LEU A 12 -0.59 13.25 6.90
C LEU A 12 -0.17 14.06 5.68
N PRO A 13 1.12 14.35 5.54
CA PRO A 13 1.54 15.14 4.37
C PRO A 13 1.41 14.32 3.09
N LEU A 14 1.07 14.99 1.99
CA LEU A 14 0.82 14.25 0.73
C LEU A 14 1.99 13.41 0.29
N SER A 15 3.20 13.94 0.47
CA SER A 15 4.42 13.28 0.03
C SER A 15 4.70 11.98 0.78
N SER A 16 3.98 11.74 1.88
CA SER A 16 4.09 10.47 2.62
CA SER A 16 4.11 10.46 2.61
C SER A 16 3.09 9.42 2.14
N LEU A 17 2.25 9.77 1.17
CA LEU A 17 1.10 8.92 0.77
C LEU A 17 1.33 8.26 -0.58
N SER A 18 0.39 7.39 -0.97
CA SER A 18 0.48 6.62 -2.20
C SER A 18 -0.54 6.99 -3.25
N ASN A 19 -0.14 6.82 -4.51
CA ASN A 19 -1.12 6.78 -5.60
C ASN A 19 -2.14 5.67 -5.32
N SER A 20 -3.33 5.83 -5.87
CA SER A 20 -4.38 4.85 -5.71
C SER A 20 -4.56 4.03 -7.01
N ARG A 21 -3.76 4.30 -8.05
CA ARG A 21 -3.81 3.49 -9.26
C ARG A 21 -2.60 2.58 -9.46
N ALA A 22 -1.59 2.75 -8.60
CA ALA A 22 -0.42 1.89 -8.56
C ALA A 22 0.31 2.15 -7.22
N PRO A 23 1.06 1.17 -6.72
CA PRO A 23 1.68 1.35 -5.39
C PRO A 23 2.95 2.25 -5.45
N LEU A 24 2.72 3.54 -5.71
CA LEU A 24 3.81 4.50 -5.94
C LEU A 24 3.64 5.72 -5.05
N PRO A 25 4.75 6.23 -4.49
CA PRO A 25 4.65 7.48 -3.72
C PRO A 25 4.08 8.63 -4.53
N ILE A 26 3.33 9.50 -3.85
CA ILE A 26 2.86 10.77 -4.44
C ILE A 26 4.04 11.76 -4.54
N SER A 27 4.27 12.30 -5.74
CA SER A 27 5.39 13.22 -5.97
C SER A 27 4.97 14.66 -6.25
N SER A 28 3.72 14.86 -6.65
CA SER A 28 3.18 16.22 -6.88
C SER A 28 1.66 16.23 -6.99
N MET A 29 1.06 17.42 -6.98
CA MET A 29 -0.30 17.62 -7.45
C MET A 29 -0.26 18.23 -8.85
N GLY A 30 -1.28 17.96 -9.64
CA GLY A 30 -1.35 18.48 -11.00
C GLY A 30 -2.77 18.70 -11.46
N ILE A 31 -2.91 19.30 -12.64
CA ILE A 31 -4.19 19.44 -13.29
C ILE A 31 -4.17 18.52 -14.51
N SER A 32 -5.33 18.32 -15.13
CA SER A 32 -5.36 17.47 -16.33
C SER A 32 -4.71 18.21 -17.51
N PRO A 33 -4.23 17.45 -18.49
CA PRO A 33 -3.84 18.00 -19.78
C PRO A 33 -4.99 18.78 -20.38
N ASP A 34 -4.69 19.73 -21.27
CA ASP A 34 -5.77 20.50 -21.88
C ASP A 34 -6.52 19.74 -23.01
N ASN A 35 -6.10 18.51 -23.30
CA ASN A 35 -6.92 17.59 -24.12
C ASN A 35 -7.67 16.52 -23.30
N VAL A 36 -7.78 16.79 -21.99
CA VAL A 36 -8.59 15.97 -21.10
C VAL A 36 -9.45 16.89 -20.28
N GLN A 37 -10.76 16.73 -20.35
CA GLN A 37 -11.69 17.50 -19.52
C GLN A 37 -12.23 16.57 -18.43
N SER A 38 -12.74 15.41 -18.83
CA SER A 38 -13.23 14.43 -17.84
C SER A 38 -12.29 13.25 -17.75
N VAL A 39 -12.40 12.50 -16.63
CA VAL A 39 -11.68 11.25 -16.47
C VAL A 39 -12.64 10.17 -15.97
N GLN A 40 -12.23 8.91 -16.11
CA GLN A 40 -13.12 7.81 -15.71
C GLN A 40 -12.32 6.69 -15.04
N PHE A 41 -11.33 7.07 -14.22
CA PHE A 41 -10.53 6.06 -13.50
C PHE A 41 -11.45 5.10 -12.74
N GLN A 42 -11.02 3.84 -12.68
CA GLN A 42 -11.80 2.80 -11.99
C GLN A 42 -11.22 2.46 -10.62
N ASN A 43 -9.91 2.68 -10.44
CA ASN A 43 -9.29 2.64 -9.12
C ASN A 43 -9.14 4.05 -8.54
N GLY A 44 -8.93 4.13 -7.24
CA GLY A 44 -8.84 5.45 -6.60
C GLY A 44 -10.16 6.22 -6.57
N ARG A 45 -11.30 5.50 -6.52
CA ARG A 45 -12.60 6.10 -6.46
C ARG A 45 -13.30 5.78 -5.14
N CYS A 46 -13.55 6.81 -4.35
CA CYS A 46 -14.24 6.63 -3.08
C CYS A 46 -14.98 7.93 -2.77
N THR A 47 -16.25 7.82 -2.39
CA THR A 47 -17.04 9.02 -2.06
C THR A 47 -16.64 9.53 -0.68
N LEU A 48 -17.03 10.76 -0.38
CA LEU A 48 -16.64 11.33 0.93
C LEU A 48 -17.26 10.59 2.11
N ASP A 49 -18.38 9.88 1.90
CA ASP A 49 -19.02 9.14 2.99
C ASP A 49 -18.52 7.69 3.07
N GLY A 50 -17.51 7.37 2.25
CA GLY A 50 -16.82 6.10 2.33
C GLY A 50 -17.29 5.00 1.41
N ARG A 51 -18.02 5.34 0.35
CA ARG A 51 -18.46 4.32 -0.61
C ARG A 51 -17.37 4.09 -1.65
N LEU A 52 -16.81 2.87 -1.69
CA LEU A 52 -15.85 2.51 -2.74
C LEU A 52 -16.58 2.35 -4.06
N VAL A 53 -15.94 2.86 -5.11
CA VAL A 53 -16.54 2.95 -6.46
C VAL A 53 -15.60 2.25 -7.46
N GLY A 54 -16.16 1.69 -8.53
CA GLY A 54 -15.32 1.03 -9.53
C GLY A 54 -14.64 -0.22 -8.99
N THR A 55 -13.37 -0.41 -9.34
CA THR A 55 -12.62 -1.58 -8.86
C THR A 55 -11.78 -1.24 -7.63
N THR A 56 -12.04 -0.07 -7.04
CA THR A 56 -11.21 0.45 -5.92
C THR A 56 -11.27 -0.49 -4.71
N PRO A 57 -10.10 -0.93 -4.19
CA PRO A 57 -10.04 -1.64 -2.90
C PRO A 57 -9.76 -0.68 -1.76
N VAL A 58 -9.98 -1.15 -0.54
CA VAL A 58 -9.59 -0.42 0.65
C VAL A 58 -8.08 -0.23 0.75
N SER A 59 -7.33 -1.28 0.39
CA SER A 59 -5.90 -1.37 0.74
C SER A 59 -5.01 -1.30 -0.49
N LEU A 60 -3.88 -0.63 -0.36
CA LEU A 60 -2.92 -0.61 -1.45
C LEU A 60 -2.39 -2.01 -1.81
N SER A 61 -2.48 -2.95 -0.85
CA SER A 61 -2.05 -4.34 -1.12
C SER A 61 -2.87 -5.00 -2.22
N HIS A 62 -4.00 -4.39 -2.61
CA HIS A 62 -4.78 -4.96 -3.73
C HIS A 62 -4.64 -4.14 -5.03
N VAL A 63 -3.94 -3.00 -4.99
CA VAL A 63 -3.99 -2.04 -6.10
C VAL A 63 -3.08 -2.44 -7.26
N ALA A 64 -3.67 -2.47 -8.46
CA ALA A 64 -2.94 -2.80 -9.71
C ALA A 64 -2.39 -4.23 -9.68
N LYS A 65 -3.25 -5.12 -9.20
CA LYS A 65 -2.92 -6.53 -9.07
C LYS A 65 -3.91 -7.39 -9.82
N ILE A 66 -3.46 -8.60 -10.18
CA ILE A 66 -4.32 -9.59 -10.81
C ILE A 66 -4.10 -10.93 -10.13
N ARG A 67 -5.12 -11.77 -10.21
CA ARG A 67 -4.98 -13.16 -9.77
C ARG A 67 -5.75 -14.03 -10.76
N GLY A 68 -5.12 -15.10 -11.22
CA GLY A 68 -5.86 -16.02 -12.09
C GLY A 68 -5.06 -17.25 -12.44
N THR A 69 -5.70 -18.14 -13.18
CA THR A 69 -5.07 -19.37 -13.63
C THR A 69 -4.89 -19.37 -15.14
N SER A 70 -3.63 -19.48 -15.58
CA SER A 70 -3.31 -19.67 -16.98
C SER A 70 -3.50 -21.13 -17.36
N ASN A 71 -4.05 -21.33 -18.56
CA ASN A 71 -4.02 -22.63 -19.20
C ASN A 71 -3.04 -22.62 -20.39
N GLY A 72 -2.22 -21.58 -20.47
CA GLY A 72 -1.25 -21.39 -21.55
C GLY A 72 -1.77 -20.54 -22.70
N THR A 73 -3.08 -20.39 -22.77
CA THR A 73 -3.73 -19.61 -23.82
C THR A 73 -4.45 -18.39 -23.24
N VAL A 74 -5.22 -18.61 -22.18
CA VAL A 74 -5.88 -17.52 -21.48
C VAL A 74 -5.59 -17.61 -19.99
N ILE A 75 -5.74 -16.47 -19.32
CA ILE A 75 -5.72 -16.43 -17.87
C ILE A 75 -7.16 -16.18 -17.42
N ASN A 76 -7.70 -17.13 -16.66
CA ASN A 76 -9.03 -17.00 -16.08
C ASN A 76 -8.90 -16.36 -14.70
N LEU A 77 -9.51 -15.17 -14.58
CA LEU A 77 -9.29 -14.30 -13.43
C LEU A 77 -10.21 -14.62 -12.27
N THR A 78 -9.72 -14.36 -11.05
CA THR A 78 -10.56 -14.39 -9.84
C THR A 78 -10.27 -13.11 -9.07
N GLU A 79 -10.94 -12.90 -7.95
CA GLU A 79 -10.52 -11.87 -7.01
C GLU A 79 -9.13 -12.22 -6.46
N LEU A 80 -8.44 -11.26 -5.85
CA LEU A 80 -7.10 -11.53 -5.35
C LEU A 80 -7.03 -12.67 -4.32
N ASP A 81 -8.11 -12.83 -3.53
CA ASP A 81 -8.15 -13.92 -2.53
C ASP A 81 -8.62 -15.26 -3.12
N GLY A 82 -8.82 -15.32 -4.44
CA GLY A 82 -9.22 -16.57 -5.09
C GLY A 82 -10.73 -16.72 -5.25
N THR A 83 -11.48 -15.83 -4.61
CA THR A 83 -12.98 -15.78 -4.71
C THR A 83 -13.38 -15.61 -6.17
N PRO A 84 -14.46 -16.27 -6.62
CA PRO A 84 -14.92 -16.07 -8.00
C PRO A 84 -15.28 -14.61 -8.30
N PHE A 85 -14.99 -14.23 -9.53
CA PHE A 85 -15.43 -12.97 -10.12
C PHE A 85 -16.45 -13.23 -11.22
N HIS A 86 -17.54 -12.48 -11.18
CA HIS A 86 -18.59 -12.62 -12.19
C HIS A 86 -18.85 -11.27 -12.87
N PRO A 87 -19.25 -11.30 -14.15
CA PRO A 87 -19.43 -10.05 -14.90
C PRO A 87 -20.33 -9.02 -14.22
N PHE A 88 -21.38 -9.45 -13.53
CA PHE A 88 -22.29 -8.48 -12.91
C PHE A 88 -21.58 -7.61 -11.87
N GLU A 89 -20.42 -8.08 -11.40
CA GLU A 89 -19.75 -7.37 -10.31
C GLU A 89 -19.01 -6.12 -10.75
N GLY A 90 -18.65 -5.99 -12.02
CA GLY A 90 -17.90 -4.80 -12.41
C GLY A 90 -17.11 -5.03 -13.66
N PRO A 91 -16.27 -4.05 -14.04
CA PRO A 91 -15.50 -4.16 -15.28
C PRO A 91 -14.33 -5.14 -15.20
N ALA A 92 -13.92 -5.47 -13.97
CA ALA A 92 -12.81 -6.40 -13.73
C ALA A 92 -12.83 -6.68 -12.23
N PRO A 93 -12.06 -7.69 -11.77
CA PRO A 93 -11.99 -7.92 -10.33
C PRO A 93 -11.46 -6.71 -9.55
N ILE A 94 -11.77 -6.65 -8.26
CA ILE A 94 -11.30 -5.53 -7.45
C ILE A 94 -9.76 -5.44 -7.56
N GLY A 95 -9.28 -4.19 -7.67
CA GLY A 95 -7.83 -3.93 -7.74
C GLY A 95 -7.18 -4.04 -9.10
N PHE A 96 -7.91 -4.60 -10.08
CA PHE A 96 -7.33 -4.86 -11.41
C PHE A 96 -6.76 -3.53 -11.96
N PRO A 97 -5.61 -3.57 -12.65
CA PRO A 97 -5.08 -2.26 -13.14
C PRO A 97 -6.05 -1.52 -14.06
N ASP A 98 -6.04 -0.19 -13.96
CA ASP A 98 -6.93 0.66 -14.78
C ASP A 98 -6.14 1.66 -15.64
N LEU A 99 -4.89 1.32 -15.94
CA LEU A 99 -4.04 2.24 -16.73
C LEU A 99 -4.31 2.00 -18.19
N GLY A 100 -5.03 2.94 -18.79
CA GLY A 100 -5.21 2.94 -20.24
C GLY A 100 -3.96 3.51 -20.89
N GLY A 101 -3.92 3.49 -22.22
CA GLY A 101 -2.92 4.25 -22.95
C GLY A 101 -1.50 3.74 -22.76
N CYS A 102 -1.37 2.44 -22.59
CA CYS A 102 -0.06 1.82 -22.40
C CYS A 102 -0.14 0.31 -22.46
N ASP A 103 1.00 -0.34 -22.62
CA ASP A 103 1.15 -1.77 -22.37
C ASP A 103 1.62 -1.93 -20.93
N TRP A 104 1.14 -3.00 -20.28
CA TRP A 104 1.53 -3.31 -18.91
C TRP A 104 2.58 -4.39 -18.89
N HIS A 105 3.44 -4.33 -17.89
CA HIS A 105 4.38 -5.41 -17.60
C HIS A 105 4.17 -5.74 -16.14
N ILE A 106 3.59 -6.92 -15.96
CA ILE A 106 3.10 -7.36 -14.65
C ILE A 106 4.03 -8.44 -14.16
N ASN A 107 4.46 -8.33 -12.90
CA ASN A 107 5.33 -9.34 -12.31
C ASN A 107 4.49 -10.42 -11.66
N MET A 108 4.61 -11.66 -12.17
CA MET A 108 3.81 -12.79 -11.71
C MET A 108 4.61 -13.67 -10.77
N THR A 109 4.01 -13.99 -9.62
CA THR A 109 4.64 -14.91 -8.65
C THR A 109 3.59 -15.96 -8.29
N GLN A 110 4.02 -16.98 -7.55
CA GLN A 110 3.14 -18.10 -7.23
C GLN A 110 3.35 -18.56 -5.79
N PHE A 111 2.26 -18.82 -5.08
CA PHE A 111 2.36 -19.44 -3.78
C PHE A 111 2.86 -20.87 -3.93
N GLY A 112 3.95 -21.17 -3.24
CA GLY A 112 4.52 -22.53 -3.24
C GLY A 112 5.52 -22.82 -4.35
N HIS A 113 5.82 -21.83 -5.20
CA HIS A 113 6.79 -21.99 -6.29
C HIS A 113 7.84 -20.90 -6.26
N SER A 114 9.05 -21.23 -6.65
CA SER A 114 10.07 -20.22 -6.85
C SER A 114 9.75 -19.39 -8.09
N SER A 115 10.47 -18.27 -8.21
CA SER A 115 10.59 -17.51 -9.46
C SER A 115 9.51 -16.46 -9.67
N GLN A 116 9.82 -15.50 -10.52
CA GLN A 116 8.84 -14.55 -11.02
C GLN A 116 8.88 -14.58 -12.54
N THR A 117 7.80 -14.12 -13.16
CA THR A 117 7.69 -14.07 -14.60
C THR A 117 7.08 -12.74 -15.01
N GLN A 118 7.66 -12.08 -16.01
CA GLN A 118 7.05 -10.88 -16.55
C GLN A 118 5.94 -11.23 -17.54
N TYR A 119 4.75 -10.69 -17.32
CA TYR A 119 3.59 -10.87 -18.18
C TYR A 119 3.36 -9.54 -18.92
N ASP A 120 3.43 -9.57 -20.25
CA ASP A 120 3.28 -8.38 -21.08
C ASP A 120 1.88 -8.28 -21.61
N VAL A 121 1.22 -7.16 -21.34
CA VAL A 121 -0.19 -7.02 -21.61
C VAL A 121 -0.46 -5.83 -22.53
N ASP A 122 -0.92 -6.15 -23.74
CA ASP A 122 -1.58 -5.21 -24.61
C ASP A 122 -3.07 -5.30 -24.24
N THR A 123 -3.66 -4.18 -23.85
CA THR A 123 -5.05 -4.21 -23.39
C THR A 123 -6.06 -4.02 -24.53
N THR A 124 -5.56 -3.82 -25.75
CA THR A 124 -6.42 -3.47 -26.90
C THR A 124 -7.12 -4.64 -27.65
N PRO A 125 -6.53 -5.85 -27.70
CA PRO A 125 -7.09 -6.94 -28.53
C PRO A 125 -8.38 -7.50 -27.96
N ASP A 126 -9.12 -8.24 -28.80
CA ASP A 126 -10.42 -8.73 -28.39
C ASP A 126 -10.33 -9.90 -27.39
N THR A 127 -9.11 -10.39 -27.18
CA THR A 127 -8.84 -11.42 -26.15
C THR A 127 -8.70 -10.80 -24.74
N PHE A 128 -8.62 -9.47 -24.66
CA PHE A 128 -8.49 -8.81 -23.36
C PHE A 128 -9.89 -8.46 -22.87
N VAL A 129 -10.44 -9.35 -22.06
CA VAL A 129 -11.84 -9.23 -21.67
C VAL A 129 -11.97 -9.47 -20.17
N PRO A 130 -11.31 -8.62 -19.36
CA PRO A 130 -11.33 -8.88 -17.92
C PRO A 130 -12.76 -8.82 -17.33
N HIS A 131 -13.64 -8.06 -17.97
CA HIS A 131 -15.03 -8.00 -17.53
C HIS A 131 -15.71 -9.39 -17.56
N LEU A 132 -15.25 -10.24 -18.50
CA LEU A 132 -15.76 -11.62 -18.59
C LEU A 132 -14.77 -12.57 -17.94
N GLY A 133 -13.82 -12.02 -17.18
CA GLY A 133 -12.90 -12.84 -16.41
C GLY A 133 -11.80 -13.56 -17.19
N SER A 134 -11.49 -13.07 -18.38
CA SER A 134 -10.54 -13.75 -19.26
C SER A 134 -9.63 -12.74 -19.97
N ILE A 135 -8.32 -12.96 -19.89
CA ILE A 135 -7.33 -12.16 -20.63
C ILE A 135 -6.29 -13.09 -21.29
N GLN A 136 -5.68 -12.66 -22.40
CA GLN A 136 -4.73 -13.54 -23.07
C GLN A 136 -3.54 -13.89 -22.17
N ALA A 137 -3.09 -15.15 -22.19
CA ALA A 137 -1.91 -15.56 -21.42
C ALA A 137 -0.61 -14.98 -21.98
N ASN A 138 -0.59 -14.70 -23.28
CA ASN A 138 0.62 -14.20 -23.94
C ASN A 138 1.91 -14.89 -23.48
N GLY A 139 1.89 -16.21 -23.46
CA GLY A 139 3.10 -16.99 -23.18
C GLY A 139 3.27 -17.42 -21.73
N ILE A 140 2.41 -16.94 -20.85
CA ILE A 140 2.48 -17.35 -19.47
C ILE A 140 2.02 -18.81 -19.35
N GLY A 141 2.89 -19.67 -18.83
CA GLY A 141 2.61 -21.10 -18.68
C GLY A 141 1.49 -21.43 -17.71
N SER A 142 0.89 -22.60 -17.87
CA SER A 142 -0.15 -23.07 -16.97
C SER A 142 0.24 -22.93 -15.51
N GLY A 143 -0.73 -22.52 -14.70
CA GLY A 143 -0.54 -22.36 -13.28
C GLY A 143 -1.36 -21.20 -12.76
N ASN A 144 -1.41 -21.10 -11.43
CA ASN A 144 -2.07 -19.99 -10.75
C ASN A 144 -1.03 -18.96 -10.33
N TYR A 145 -1.34 -17.70 -10.60
CA TYR A 145 -0.40 -16.59 -10.31
C TYR A 145 -1.12 -15.45 -9.61
N VAL A 146 -0.33 -14.72 -8.83
CA VAL A 146 -0.71 -13.33 -8.43
C VAL A 146 0.27 -12.44 -9.20
N GLY A 147 -0.27 -11.36 -9.78
CA GLY A 147 0.55 -10.41 -10.52
C GLY A 147 0.41 -9.00 -9.98
N VAL A 148 1.51 -8.24 -9.99
CA VAL A 148 1.46 -6.81 -9.65
C VAL A 148 2.08 -6.00 -10.81
N LEU A 149 1.45 -4.89 -11.14
CA LEU A 149 2.01 -4.03 -12.16
C LEU A 149 3.41 -3.57 -11.75
N SER A 150 4.36 -3.72 -12.65
CA SER A 150 5.75 -3.38 -12.36
C SER A 150 6.26 -2.19 -13.18
N TRP A 151 6.05 -2.23 -14.49
CA TRP A 151 6.43 -1.08 -15.31
C TRP A 151 5.52 -1.05 -16.53
N ILE A 152 5.54 0.07 -17.26
CA ILE A 152 4.66 0.24 -18.44
C ILE A 152 5.48 0.74 -19.63
N SER A 153 4.89 0.60 -20.81
CA SER A 153 5.53 1.08 -22.04
C SER A 153 4.43 1.59 -22.98
N PRO A 154 4.83 2.23 -24.11
CA PRO A 154 3.78 2.71 -25.00
C PRO A 154 2.85 1.59 -25.48
N PRO A 155 1.59 1.93 -25.80
CA PRO A 155 0.67 0.87 -26.18
C PRO A 155 1.08 0.23 -27.52
N SER A 156 0.89 -1.06 -27.64
CA SER A 156 1.19 -1.76 -28.91
C SER A 156 0.24 -1.31 -30.03
N HIS A 157 -0.97 -0.91 -29.67
CA HIS A 157 -1.94 -0.39 -30.63
C HIS A 157 -2.68 0.79 -30.02
N PRO A 158 -2.96 1.84 -30.81
CA PRO A 158 -2.46 2.08 -32.18
C PRO A 158 -0.94 2.24 -32.18
N SER A 159 -0.26 1.63 -33.16
CA SER A 159 1.19 1.70 -33.22
C SER A 159 1.71 3.14 -33.25
N GLY A 160 2.81 3.39 -32.55
CA GLY A 160 3.39 4.74 -32.45
C GLY A 160 2.69 5.75 -31.54
N SER A 161 1.61 5.36 -30.85
CA SER A 161 0.95 6.28 -29.90
C SER A 161 1.79 6.45 -28.62
N GLN A 162 1.59 7.54 -27.90
CA GLN A 162 2.36 7.83 -26.69
C GLN A 162 1.66 7.22 -25.49
N VAL A 163 2.40 7.02 -24.41
CA VAL A 163 1.76 6.69 -23.12
C VAL A 163 0.77 7.79 -22.73
N ASP A 164 -0.43 7.41 -22.31
CA ASP A 164 -1.43 8.36 -21.91
C ASP A 164 -2.20 7.76 -20.73
N LEU A 165 -1.71 8.06 -19.54
CA LEU A 165 -2.29 7.46 -18.31
C LEU A 165 -3.58 8.14 -17.84
N TRP A 166 -4.09 9.09 -18.63
CA TRP A 166 -5.37 9.74 -18.36
C TRP A 166 -6.54 8.88 -18.82
N LYS A 167 -6.22 7.78 -19.52
CA LYS A 167 -7.18 6.83 -20.07
C LYS A 167 -7.34 5.62 -19.13
N ILE A 168 -8.43 4.90 -19.36
CA ILE A 168 -8.59 3.56 -18.81
C ILE A 168 -8.61 2.53 -19.96
N PRO A 169 -8.35 1.26 -19.66
CA PRO A 169 -8.36 0.25 -20.74
C PRO A 169 -9.77 -0.15 -21.16
N ASN A 170 -9.85 -0.87 -22.27
CA ASN A 170 -11.12 -1.39 -22.71
C ASN A 170 -11.35 -2.73 -22.04
N TYR A 171 -12.24 -2.78 -21.06
CA TYR A 171 -12.42 -3.99 -20.25
C TYR A 171 -13.31 -5.04 -20.92
N GLY A 172 -14.04 -4.62 -21.95
CA GLY A 172 -14.99 -5.49 -22.63
C GLY A 172 -14.42 -6.06 -23.92
N SER A 173 -15.17 -6.96 -24.57
CA SER A 173 -14.73 -7.55 -25.84
C SER A 173 -14.75 -6.49 -26.95
N SER A 174 -15.54 -5.45 -26.71
CA SER A 174 -15.73 -4.36 -27.65
C SER A 174 -15.92 -3.08 -26.84
N ILE A 175 -15.62 -1.93 -27.44
CA ILE A 175 -15.81 -0.64 -26.77
C ILE A 175 -17.29 -0.32 -26.53
N THR A 176 -18.18 -1.07 -27.18
CA THR A 176 -19.61 -0.89 -27.00
C THR A 176 -20.20 -1.87 -25.97
N GLU A 177 -19.38 -2.79 -25.46
CA GLU A 177 -19.87 -3.68 -24.42
C GLU A 177 -20.00 -2.98 -23.05
N ALA A 178 -21.13 -3.20 -22.39
CA ALA A 178 -21.42 -2.61 -21.08
C ALA A 178 -20.67 -3.37 -19.99
N THR A 179 -19.80 -2.69 -19.24
CA THR A 179 -18.94 -3.36 -18.29
C THR A 179 -19.13 -2.83 -16.86
N HIS A 180 -20.14 -2.01 -16.65
CA HIS A 180 -20.42 -1.43 -15.31
C HIS A 180 -19.30 -0.54 -14.80
N LEU A 181 -18.77 0.28 -15.69
CA LEU A 181 -17.72 1.22 -15.27
C LEU A 181 -18.27 2.22 -14.24
N ALA A 182 -17.40 2.61 -13.30
CA ALA A 182 -17.71 3.77 -12.45
C ALA A 182 -17.87 4.97 -13.39
N PRO A 183 -18.81 5.87 -13.05
CA PRO A 183 -19.07 7.02 -13.96
C PRO A 183 -17.91 7.99 -14.05
N SER A 184 -17.91 8.76 -15.13
CA SER A 184 -16.91 9.81 -15.32
C SER A 184 -17.01 10.91 -14.27
N VAL A 185 -15.87 11.58 -14.09
CA VAL A 185 -15.73 12.72 -13.20
C VAL A 185 -15.48 13.94 -14.09
N TYR A 186 -16.29 14.98 -13.90
CA TYR A 186 -16.25 16.20 -14.74
C TYR A 186 -15.87 17.42 -13.91
N PRO A 187 -15.14 18.39 -14.50
CA PRO A 187 -14.87 19.65 -13.79
C PRO A 187 -16.21 20.32 -13.46
N PRO A 188 -16.38 20.81 -12.23
CA PRO A 188 -17.74 21.18 -11.81
C PRO A 188 -18.24 22.59 -12.18
N GLY A 189 -17.37 23.44 -12.72
CA GLY A 189 -17.73 24.85 -13.01
C GLY A 189 -17.04 25.85 -12.08
N PHE A 190 -17.48 27.11 -12.16
CA PHE A 190 -17.02 28.19 -11.27
C PHE A 190 -15.51 28.47 -11.29
N GLY A 191 -14.88 28.21 -12.44
CA GLY A 191 -13.44 28.38 -12.61
C GLY A 191 -12.60 27.30 -11.95
N GLU A 192 -13.27 26.25 -11.44
CA GLU A 192 -12.57 25.20 -10.70
C GLU A 192 -11.97 24.15 -11.63
N VAL A 193 -10.77 23.68 -11.27
CA VAL A 193 -10.12 22.61 -12.00
C VAL A 193 -10.03 21.37 -11.09
N LEU A 194 -10.13 20.20 -11.72
CA LEU A 194 -9.91 18.94 -11.00
C LEU A 194 -8.45 18.88 -10.57
N VAL A 195 -8.21 18.38 -9.35
CA VAL A 195 -6.88 18.22 -8.81
C VAL A 195 -6.50 16.74 -8.84
N PHE A 196 -5.32 16.45 -9.35
CA PHE A 196 -4.78 15.09 -9.45
C PHE A 196 -3.54 14.93 -8.61
N PHE A 197 -3.40 13.75 -7.99
CA PHE A 197 -2.22 13.39 -7.24
C PHE A 197 -1.38 12.53 -8.15
N MET A 198 -0.12 12.92 -8.34
CA MET A 198 0.75 12.36 -9.36
C MET A 198 1.87 11.53 -8.79
N SER A 199 2.26 10.49 -9.53
CA SER A 199 3.37 9.62 -9.21
C SER A 199 4.19 9.33 -10.47
N LYS A 200 5.47 9.00 -10.29
CA LYS A 200 6.33 8.58 -11.41
C LYS A 200 6.27 7.05 -11.55
N MET A 201 5.99 6.59 -12.76
CA MET A 201 5.82 5.17 -13.03
C MET A 201 7.01 4.69 -13.84
N PRO A 202 7.72 3.64 -13.37
CA PRO A 202 8.84 3.04 -14.11
C PRO A 202 8.49 2.62 -15.55
N GLY A 203 9.50 2.71 -16.42
CA GLY A 203 9.37 2.33 -17.82
C GLY A 203 10.18 3.31 -18.65
N PRO A 204 10.24 3.10 -19.98
CA PRO A 204 11.14 3.86 -20.86
C PRO A 204 10.66 5.26 -21.25
N GLY A 205 10.29 6.06 -20.26
CA GLY A 205 9.87 7.44 -20.49
C GLY A 205 9.62 8.11 -19.16
N ALA A 206 9.26 9.37 -19.20
CA ALA A 206 9.01 10.13 -17.98
C ALA A 206 7.53 10.05 -17.74
N TYR A 207 7.08 8.93 -17.17
CA TYR A 207 5.66 8.65 -17.08
C TYR A 207 5.05 9.15 -15.78
N ASN A 208 3.93 9.85 -15.93
CA ASN A 208 3.23 10.53 -14.84
C ASN A 208 1.85 9.95 -14.66
N LEU A 209 1.64 9.30 -13.51
CA LEU A 209 0.36 8.61 -13.26
C LEU A 209 -0.52 9.48 -12.37
N PRO A 210 -1.66 9.98 -12.88
CA PRO A 210 -2.59 10.72 -12.02
C PRO A 210 -3.59 9.83 -11.31
N CYS A 211 -4.04 10.28 -10.15
CA CYS A 211 -5.20 9.66 -9.50
C CYS A 211 -6.02 10.74 -8.78
N LEU A 212 -7.27 10.45 -8.40
CA LEU A 212 -8.15 11.47 -7.80
C LEU A 212 -7.97 11.61 -6.28
N LEU A 213 -7.52 10.53 -5.63
CA LEU A 213 -7.28 10.56 -4.18
C LEU A 213 -6.11 9.67 -3.82
N PRO A 214 -5.26 10.10 -2.87
CA PRO A 214 -4.26 9.15 -2.38
C PRO A 214 -4.94 7.91 -1.79
N GLN A 215 -4.25 6.77 -1.88
CA GLN A 215 -4.87 5.55 -1.35
C GLN A 215 -5.22 5.68 0.16
N GLU A 216 -4.36 6.36 0.93
CA GLU A 216 -4.61 6.48 2.37
C GLU A 216 -5.85 7.32 2.67
N TYR A 217 -6.21 8.20 1.72
CA TYR A 217 -7.47 8.93 1.89
C TYR A 217 -8.66 7.97 1.73
N ILE A 218 -8.52 7.01 0.82
CA ILE A 218 -9.58 6.04 0.57
C ILE A 218 -9.80 5.14 1.80
N SER A 219 -8.72 4.60 2.38
CA SER A 219 -8.92 3.78 3.57
CA SER A 219 -8.89 3.80 3.60
C SER A 219 -9.48 4.65 4.71
N HIS A 220 -9.04 5.92 4.79
CA HIS A 220 -9.55 6.82 5.83
C HIS A 220 -11.05 7.04 5.67
N LEU A 221 -11.48 7.36 4.45
CA LEU A 221 -12.89 7.69 4.24
C LEU A 221 -13.75 6.44 4.43
N ALA A 222 -13.22 5.30 3.97
CA ALA A 222 -13.96 4.02 4.11
C ALA A 222 -14.12 3.61 5.56
N SER A 223 -13.14 3.96 6.38
CA SER A 223 -13.22 3.68 7.81
C SER A 223 -14.18 4.66 8.50
N GLU A 224 -14.03 5.94 8.18
CA GLU A 224 -14.77 7.02 8.86
C GLU A 224 -16.29 6.94 8.63
N GLN A 225 -16.66 6.58 7.40
CA GLN A 225 -18.08 6.47 7.02
C GLN A 225 -18.90 7.67 7.49
N ALA A 226 -18.37 8.87 7.22
CA ALA A 226 -18.99 10.11 7.70
C ALA A 226 -20.51 10.14 7.52
N PRO A 227 -21.25 10.40 8.63
CA PRO A 227 -22.70 10.41 8.59
C PRO A 227 -23.33 11.73 8.17
N THR A 228 -22.53 12.78 7.95
CA THR A 228 -23.06 14.16 7.73
C THR A 228 -22.35 14.94 6.60
N ILE A 229 -22.23 14.32 5.42
CA ILE A 229 -21.63 14.98 4.25
C ILE A 229 -22.56 16.09 3.74
N GLY A 230 -22.00 17.30 3.55
CA GLY A 230 -22.70 18.47 2.96
C GLY A 230 -22.55 18.54 1.44
N GLU A 231 -22.75 19.70 0.82
CA GLU A 231 -22.67 19.85 -0.65
C GLU A 231 -21.24 19.82 -1.20
N ALA A 232 -20.32 20.42 -0.46
CA ALA A 232 -18.91 20.38 -0.79
C ALA A 232 -18.18 20.67 0.50
N ALA A 233 -17.02 20.06 0.68
CA ALA A 233 -16.18 20.37 1.83
C ALA A 233 -15.18 21.43 1.44
N LEU A 234 -15.20 22.54 2.17
CA LEU A 234 -14.16 23.55 2.04
C LEU A 234 -12.94 23.04 2.80
N LEU A 235 -11.78 23.02 2.13
CA LEU A 235 -10.52 22.56 2.71
C LEU A 235 -9.47 23.65 2.64
N HIS A 236 -8.49 23.62 3.55
CA HIS A 236 -7.23 24.35 3.34
C HIS A 236 -6.10 23.38 3.13
N TYR A 237 -5.19 23.72 2.23
CA TYR A 237 -3.93 22.99 2.10
C TYR A 237 -2.92 23.71 2.99
N VAL A 238 -2.48 23.02 4.04
CA VAL A 238 -1.75 23.65 5.14
C VAL A 238 -0.30 23.17 5.20
N ASP A 239 0.61 24.11 5.45
CA ASP A 239 1.97 23.75 5.84
C ASP A 239 1.99 23.44 7.33
N PRO A 240 2.32 22.19 7.71
CA PRO A 240 2.23 21.76 9.12
C PRO A 240 2.99 22.60 10.15
N ASP A 241 4.25 22.92 9.84
CA ASP A 241 5.14 23.64 10.78
C ASP A 241 4.70 25.08 11.06
N THR A 242 4.40 25.81 9.97
CA THR A 242 4.01 27.21 10.05
C THR A 242 2.52 27.37 10.28
N GLY A 243 1.75 26.37 9.81
CA GLY A 243 0.29 26.43 9.90
C GLY A 243 -0.31 27.29 8.80
N ARG A 244 0.51 27.73 7.86
CA ARG A 244 0.10 28.64 6.78
C ARG A 244 -0.90 27.97 5.84
N ASN A 245 -1.99 28.68 5.54
CA ASN A 245 -2.95 28.26 4.52
C ASN A 245 -2.42 28.56 3.11
N LEU A 246 -2.05 27.51 2.39
CA LEU A 246 -1.46 27.66 1.07
C LEU A 246 -2.49 27.70 -0.06
N GLY A 247 -3.75 27.46 0.25
CA GLY A 247 -4.78 27.44 -0.78
C GLY A 247 -6.09 26.81 -0.32
N GLU A 248 -7.19 27.38 -0.78
CA GLU A 248 -8.52 26.84 -0.54
C GLU A 248 -8.85 25.83 -1.63
N PHE A 249 -9.41 24.69 -1.22
CA PHE A 249 -9.84 23.66 -2.18
C PHE A 249 -11.25 23.24 -1.79
N LYS A 250 -11.97 22.62 -2.73
CA LYS A 250 -13.24 21.97 -2.36
C LYS A 250 -13.13 20.47 -2.62
N ALA A 251 -13.67 19.68 -1.71
CA ALA A 251 -13.83 18.22 -1.96
C ALA A 251 -15.32 18.00 -2.21
N TYR A 252 -15.62 17.30 -3.30
CA TYR A 252 -16.99 17.01 -3.66
C TYR A 252 -17.40 15.61 -3.20
N PRO A 253 -18.69 15.43 -2.89
CA PRO A 253 -19.20 14.14 -2.40
C PRO A 253 -18.75 12.94 -3.22
N ASP A 254 -18.62 13.08 -4.54
CA ASP A 254 -18.26 11.93 -5.36
C ASP A 254 -16.80 11.49 -5.20
N GLY A 255 -15.99 12.29 -4.50
CA GLY A 255 -14.63 11.85 -4.14
C GLY A 255 -13.50 12.48 -4.93
N PHE A 256 -13.61 13.78 -5.16
CA PHE A 256 -12.56 14.48 -5.88
C PHE A 256 -12.41 15.89 -5.33
N LEU A 257 -11.24 16.46 -5.59
CA LEU A 257 -10.94 17.82 -5.10
C LEU A 257 -10.79 18.76 -6.28
N THR A 258 -11.11 20.03 -6.01
CA THR A 258 -10.85 21.09 -6.97
C THR A 258 -10.19 22.30 -6.30
N CYS A 259 -9.63 23.16 -7.12
CA CYS A 259 -9.22 24.49 -6.69
C CYS A 259 -9.40 25.42 -7.88
N VAL A 260 -9.15 26.72 -7.66
CA VAL A 260 -9.17 27.69 -8.75
C VAL A 260 -7.71 28.13 -8.95
N PRO A 261 -7.12 27.82 -10.12
CA PRO A 261 -5.72 28.22 -10.37
C PRO A 261 -5.57 29.74 -10.38
N ASN A 262 -4.42 30.22 -9.94
CA ASN A 262 -4.11 31.63 -10.06
C ASN A 262 -3.47 31.90 -11.43
N GLY A 263 -4.31 31.82 -12.47
CA GLY A 263 -3.86 31.92 -13.87
C GLY A 263 -3.10 30.72 -14.37
N ALA A 264 -2.68 30.77 -15.65
CA ALA A 264 -1.93 29.67 -16.25
C ALA A 264 -0.60 29.39 -15.53
N SER A 265 -0.06 30.42 -14.89
CA SER A 265 1.26 30.34 -14.29
C SER A 265 1.29 29.64 -12.93
N SER A 266 0.17 29.67 -12.21
CA SER A 266 0.15 29.22 -10.83
C SER A 266 -1.06 28.35 -10.45
N GLY A 267 -0.81 27.07 -10.24
CA GLY A 267 -1.84 26.14 -9.81
C GLY A 267 -1.27 25.09 -8.86
N PRO A 268 -1.94 23.92 -8.75
CA PRO A 268 -1.53 22.85 -7.84
C PRO A 268 -0.10 22.37 -8.04
N GLN A 269 0.37 22.35 -9.29
CA GLN A 269 1.71 21.90 -9.62
C GLN A 269 2.79 22.78 -8.98
N GLN A 270 2.44 24.03 -8.70
CA GLN A 270 3.38 24.93 -8.06
C GLN A 270 3.41 24.83 -6.53
N LEU A 271 2.43 24.12 -5.95
CA LEU A 271 2.38 23.94 -4.50
C LEU A 271 3.42 22.93 -4.03
N PRO A 272 3.94 23.11 -2.79
CA PRO A 272 4.84 22.09 -2.27
C PRO A 272 3.98 20.87 -1.92
N ILE A 273 4.62 19.72 -1.85
CA ILE A 273 3.89 18.46 -1.76
C ILE A 273 3.92 17.91 -0.34
N ASN A 274 4.51 18.64 0.59
CA ASN A 274 4.58 18.21 1.99
C ASN A 274 3.50 18.80 2.88
N GLY A 275 2.44 19.33 2.27
CA GLY A 275 1.35 19.90 3.02
C GLY A 275 0.26 18.89 3.35
N VAL A 276 -0.72 19.35 4.10
CA VAL A 276 -1.78 18.50 4.61
C VAL A 276 -3.12 19.15 4.27
N PHE A 277 -4.05 18.40 3.69
CA PHE A 277 -5.41 18.93 3.53
C PHE A 277 -6.17 18.84 4.83
N VAL A 278 -6.82 19.94 5.19
CA VAL A 278 -7.55 20.04 6.45
C VAL A 278 -8.96 20.50 6.15
N PHE A 279 -9.94 19.74 6.64
CA PHE A 279 -11.33 20.11 6.51
C PHE A 279 -11.61 21.38 7.31
N VAL A 280 -12.29 22.34 6.67
CA VAL A 280 -12.71 23.59 7.33
C VAL A 280 -14.20 23.59 7.69
N SER A 281 -15.04 23.45 6.67
CA SER A 281 -16.50 23.49 6.87
C SER A 281 -17.19 22.94 5.63
N TRP A 282 -18.46 22.59 5.80
CA TRP A 282 -19.32 22.31 4.66
C TRP A 282 -19.80 23.62 4.05
N VAL A 283 -19.71 23.70 2.74
CA VAL A 283 -20.16 24.88 2.01
C VAL A 283 -21.11 24.45 0.88
N SER A 284 -21.75 25.43 0.25
CA SER A 284 -22.61 25.18 -0.90
C SER A 284 -21.78 24.71 -2.08
N ARG A 285 -22.41 23.94 -2.95
CA ARG A 285 -21.78 23.50 -4.19
C ARG A 285 -21.20 24.67 -4.98
N PHE A 286 -21.86 25.84 -4.90
CA PHE A 286 -21.50 27.03 -5.68
C PHE A 286 -20.57 27.99 -4.95
N TYR A 287 -20.10 27.59 -3.76
CA TYR A 287 -19.12 28.39 -3.02
C TYR A 287 -17.94 28.74 -3.92
N GLN A 288 -17.67 30.04 -4.05
CA GLN A 288 -16.57 30.51 -4.89
C GLN A 288 -15.24 30.55 -4.13
N LEU A 289 -14.27 29.80 -4.63
CA LEU A 289 -12.95 29.75 -4.01
C LEU A 289 -12.08 30.91 -4.45
N LYS A 290 -11.20 31.33 -3.56
CA LYS A 290 -10.12 32.24 -3.94
C LYS A 290 -9.08 31.49 -4.76
N PRO A 291 -8.56 32.10 -5.83
CA PRO A 291 -7.44 31.48 -6.56
C PRO A 291 -6.30 31.05 -5.63
N VAL A 292 -5.71 29.88 -5.89
CA VAL A 292 -4.68 29.32 -5.03
C VAL A 292 -3.56 30.31 -4.73
N GLY A 293 -3.27 30.45 -3.44
CA GLY A 293 -2.17 31.30 -3.00
C GLY A 293 -2.61 32.73 -2.75
N THR A 294 -3.83 33.09 -3.16
CA THR A 294 -4.23 34.49 -3.10
C THR A 294 -5.05 34.86 -1.85
N VAL A 295 -4.97 36.16 -1.53
CA VAL A 295 -5.65 36.84 -0.43
C VAL A 295 -5.03 36.56 0.93
N PHE B 7 -10.50 7.63 21.34
CA PHE B 7 -9.45 6.85 20.60
C PHE B 7 -10.14 5.94 19.62
N THR B 8 -9.54 5.76 18.43
CA THR B 8 -10.10 4.85 17.44
C THR B 8 -9.04 3.99 16.71
N LEU B 9 -9.49 2.81 16.30
CA LEU B 9 -8.78 2.00 15.31
C LEU B 9 -9.62 2.03 14.02
N PRO B 10 -9.02 1.68 12.87
CA PRO B 10 -9.78 1.69 11.61
C PRO B 10 -11.05 0.83 11.72
N ASN B 11 -12.15 1.38 11.24
CA ASN B 11 -13.40 0.60 11.18
C ASN B 11 -13.42 -0.13 9.84
N LEU B 12 -12.53 -1.11 9.70
CA LEU B 12 -12.29 -1.85 8.47
C LEU B 12 -12.01 -3.31 8.84
N PRO B 13 -12.57 -4.26 8.08
CA PRO B 13 -12.32 -5.66 8.40
C PRO B 13 -10.86 -6.06 8.13
N LEU B 14 -10.31 -6.94 8.97
CA LEU B 14 -8.90 -7.27 8.86
C LEU B 14 -8.56 -7.81 7.48
N SER B 15 -9.45 -8.58 6.90
CA SER B 15 -9.17 -9.23 5.63
C SER B 15 -9.12 -8.23 4.46
N SER B 16 -9.50 -6.97 4.72
CA SER B 16 -9.42 -5.92 3.70
CA SER B 16 -9.41 -5.94 3.69
C SER B 16 -8.10 -5.17 3.78
N LEU B 17 -7.27 -5.50 4.79
CA LEU B 17 -6.05 -4.73 5.09
C LEU B 17 -4.75 -5.40 4.62
N SER B 18 -3.63 -4.69 4.81
CA SER B 18 -2.33 -5.15 4.35
C SER B 18 -1.39 -5.49 5.49
N ASN B 19 -0.51 -6.44 5.21
CA ASN B 19 0.70 -6.64 6.03
C ASN B 19 1.48 -5.33 6.07
N SER B 20 2.25 -5.12 7.14
CA SER B 20 3.12 -3.93 7.22
C SER B 20 4.60 -4.28 6.99
N ARG B 21 4.88 -5.56 6.70
CA ARG B 21 6.24 -5.97 6.36
C ARG B 21 6.45 -6.32 4.89
N ALA B 22 5.35 -6.38 4.13
CA ALA B 22 5.40 -6.58 2.67
C ALA B 22 4.00 -6.21 2.15
N PRO B 23 3.89 -5.80 0.88
CA PRO B 23 2.59 -5.36 0.36
C PRO B 23 1.64 -6.52 0.02
N LEU B 24 1.17 -7.20 1.06
CA LEU B 24 0.40 -8.42 0.91
C LEU B 24 -0.89 -8.34 1.73
N PRO B 25 -1.99 -8.86 1.17
CA PRO B 25 -3.21 -8.91 1.96
C PRO B 25 -3.07 -9.71 3.26
N ILE B 26 -3.78 -9.30 4.30
CA ILE B 26 -3.89 -10.09 5.52
C ILE B 26 -4.81 -11.30 5.27
N SER B 27 -4.32 -12.49 5.60
CA SER B 27 -5.07 -13.75 5.39
C SER B 27 -5.49 -14.43 6.70
N SER B 28 -4.82 -14.11 7.81
CA SER B 28 -5.19 -14.65 9.13
C SER B 28 -4.52 -13.89 10.27
N MET B 29 -4.93 -14.18 11.49
CA MET B 29 -4.20 -13.78 12.68
C MET B 29 -3.48 -14.99 13.20
N GLY B 30 -2.43 -14.79 13.99
CA GLY B 30 -1.67 -15.93 14.48
C GLY B 30 -0.92 -15.59 15.74
N ILE B 31 -0.35 -16.62 16.35
CA ILE B 31 0.59 -16.47 17.45
C ILE B 31 1.96 -16.98 17.01
N SER B 32 3.01 -16.67 17.77
CA SER B 32 4.35 -17.08 17.38
C SER B 32 4.58 -18.55 17.77
N PRO B 33 5.54 -19.22 17.10
CA PRO B 33 5.95 -20.56 17.53
C PRO B 33 6.49 -20.53 18.94
N ASP B 34 6.55 -21.71 19.56
CA ASP B 34 7.03 -21.73 20.92
C ASP B 34 8.52 -21.40 21.08
N ASN B 35 9.30 -21.50 19.99
CA ASN B 35 10.72 -21.09 20.10
C ASN B 35 10.92 -19.60 19.87
N VAL B 36 9.81 -18.88 19.69
CA VAL B 36 9.82 -17.42 19.51
C VAL B 36 9.10 -16.74 20.67
N GLN B 37 9.83 -15.93 21.42
CA GLN B 37 9.21 -15.14 22.47
C GLN B 37 9.06 -13.70 21.97
N SER B 38 10.15 -12.96 22.05
CA SER B 38 10.09 -11.57 21.62
C SER B 38 10.28 -11.50 20.12
N VAL B 39 9.88 -10.36 19.55
CA VAL B 39 10.19 -10.03 18.17
C VAL B 39 10.79 -8.61 18.08
N GLN B 40 11.49 -8.34 16.99
CA GLN B 40 12.18 -7.06 16.86
C GLN B 40 11.98 -6.51 15.42
N PHE B 41 10.80 -6.72 14.86
CA PHE B 41 10.48 -6.21 13.53
C PHE B 41 10.83 -4.73 13.46
N GLN B 42 11.35 -4.32 12.28
CA GLN B 42 11.69 -2.90 12.08
C GLN B 42 10.64 -2.15 11.26
N ASN B 43 9.86 -2.89 10.45
CA ASN B 43 8.67 -2.32 9.78
C ASN B 43 7.40 -2.73 10.55
N GLY B 44 6.33 -1.99 10.33
CA GLY B 44 5.07 -2.28 11.04
C GLY B 44 5.14 -1.90 12.51
N ARG B 45 5.93 -0.87 12.83
CA ARG B 45 6.09 -0.41 14.21
C ARG B 45 5.55 1.01 14.37
N CYS B 46 4.46 1.15 15.11
CA CYS B 46 3.87 2.44 15.36
C CYS B 46 3.22 2.40 16.74
N THR B 47 3.49 3.41 17.55
CA THR B 47 2.89 3.46 18.89
C THR B 47 1.42 3.90 18.79
N LEU B 48 0.67 3.72 19.87
CA LEU B 48 -0.75 4.09 19.82
C LEU B 48 -1.00 5.59 19.64
N ASP B 49 -0.03 6.42 20.04
CA ASP B 49 -0.14 7.86 19.85
C ASP B 49 0.41 8.34 18.47
N GLY B 50 0.81 7.40 17.61
CA GLY B 50 1.21 7.77 16.26
C GLY B 50 2.68 7.94 15.99
N ARG B 51 3.56 7.44 16.87
CA ARG B 51 5.01 7.58 16.68
C ARG B 51 5.51 6.39 15.84
N LEU B 52 5.98 6.68 14.64
CA LEU B 52 6.56 5.63 13.81
C LEU B 52 7.94 5.27 14.35
N VAL B 53 8.23 3.97 14.31
CA VAL B 53 9.39 3.38 14.95
C VAL B 53 10.16 2.52 13.92
N GLY B 54 11.48 2.37 14.09
CA GLY B 54 12.24 1.52 13.19
C GLY B 54 12.28 2.13 11.80
N THR B 55 12.15 1.29 10.78
CA THR B 55 12.17 1.77 9.39
C THR B 55 10.73 1.96 8.85
N THR B 56 9.76 1.93 9.74
CA THR B 56 8.34 1.96 9.32
C THR B 56 7.99 3.25 8.59
N PRO B 57 7.40 3.13 7.37
CA PRO B 57 6.82 4.31 6.71
C PRO B 57 5.32 4.44 6.99
N VAL B 58 4.76 5.61 6.69
CA VAL B 58 3.30 5.83 6.74
C VAL B 58 2.54 4.98 5.73
N SER B 59 3.13 4.84 4.54
CA SER B 59 2.38 4.29 3.41
C SER B 59 2.93 2.94 2.97
N LEU B 60 2.04 2.05 2.57
CA LEU B 60 2.46 0.79 1.98
C LEU B 60 3.30 0.97 0.73
N SER B 61 3.18 2.12 0.06
CA SER B 61 3.98 2.34 -1.17
C SER B 61 5.47 2.36 -0.91
N HIS B 62 5.87 2.46 0.36
CA HIS B 62 7.29 2.43 0.74
C HIS B 62 7.73 1.10 1.36
N VAL B 63 6.79 0.19 1.61
CA VAL B 63 7.09 -1.00 2.41
C VAL B 63 7.79 -2.10 1.63
N ALA B 64 8.92 -2.57 2.19
CA ALA B 64 9.74 -3.63 1.59
C ALA B 64 10.31 -3.22 0.23
N LYS B 65 10.76 -1.95 0.18
CA LYS B 65 11.35 -1.40 -1.02
C LYS B 65 12.76 -0.92 -0.77
N ILE B 66 13.53 -0.89 -1.86
CA ILE B 66 14.90 -0.33 -1.83
C ILE B 66 15.05 0.68 -2.97
N ARG B 67 15.99 1.60 -2.80
CA ARG B 67 16.34 2.52 -3.88
C ARG B 67 17.84 2.70 -3.80
N GLY B 68 18.50 2.62 -4.96
CA GLY B 68 19.94 2.91 -4.93
C GLY B 68 20.63 2.73 -6.27
N THR B 69 21.92 3.05 -6.30
CA THR B 69 22.66 2.99 -7.55
C THR B 69 23.69 1.87 -7.49
N SER B 70 23.62 0.94 -8.43
CA SER B 70 24.62 -0.11 -8.55
C SER B 70 25.81 0.41 -9.35
N ASN B 71 27.02 0.02 -8.93
CA ASN B 71 28.20 0.18 -9.78
C ASN B 71 28.66 -1.18 -10.32
N GLY B 72 27.78 -2.18 -10.25
CA GLY B 72 28.11 -3.54 -10.64
C GLY B 72 28.69 -4.42 -9.54
N THR B 73 29.21 -3.81 -8.48
CA THR B 73 29.77 -4.52 -7.31
C THR B 73 28.93 -4.31 -6.04
N VAL B 74 28.59 -3.06 -5.78
CA VAL B 74 27.70 -2.70 -4.67
C VAL B 74 26.56 -1.83 -5.16
N ILE B 75 25.47 -1.83 -4.38
CA ILE B 75 24.38 -0.88 -4.53
C ILE B 75 24.48 0.10 -3.38
N ASN B 76 24.68 1.37 -3.71
CA ASN B 76 24.69 2.40 -2.71
C ASN B 76 23.29 2.93 -2.55
N LEU B 77 22.77 2.78 -1.33
CA LEU B 77 21.37 3.03 -1.05
C LEU B 77 21.06 4.50 -0.74
N THR B 78 19.85 4.90 -1.08
CA THR B 78 19.30 6.20 -0.68
C THR B 78 17.91 5.91 -0.10
N GLU B 79 17.22 6.95 0.37
CA GLU B 79 15.78 6.82 0.62
C GLU B 79 15.04 6.59 -0.69
N LEU B 80 13.77 6.21 -0.60
CA LEU B 80 13.03 5.87 -1.80
CA LEU B 80 12.99 5.86 -1.78
C LEU B 80 12.92 7.02 -2.78
N ASP B 81 12.86 8.24 -2.27
CA ASP B 81 12.72 9.42 -3.13
C ASP B 81 14.09 9.94 -3.60
N GLY B 82 15.17 9.23 -3.28
CA GLY B 82 16.51 9.62 -3.75
C GLY B 82 17.32 10.42 -2.74
N THR B 83 16.66 10.89 -1.67
CA THR B 83 17.32 11.65 -0.58
C THR B 83 18.42 10.80 0.03
N PRO B 84 19.57 11.41 0.40
CA PRO B 84 20.60 10.61 1.04
C PRO B 84 20.15 9.94 2.35
N PHE B 85 20.70 8.76 2.56
CA PHE B 85 20.54 8.05 3.80
C PHE B 85 21.89 8.05 4.52
N HIS B 86 21.86 8.30 5.84
CA HIS B 86 23.07 8.32 6.66
C HIS B 86 22.91 7.36 7.84
N PRO B 87 24.02 6.74 8.29
CA PRO B 87 23.91 5.75 9.37
C PRO B 87 23.15 6.23 10.61
N PHE B 88 23.27 7.51 10.98
CA PHE B 88 22.60 7.96 12.21
C PHE B 88 21.08 7.79 12.12
N GLU B 89 20.57 7.67 10.89
CA GLU B 89 19.13 7.66 10.68
C GLU B 89 18.44 6.37 11.06
N GLY B 90 19.18 5.28 11.10
CA GLY B 90 18.54 4.00 11.40
C GLY B 90 19.29 2.81 10.87
N PRO B 91 18.71 1.60 10.98
CA PRO B 91 19.38 0.35 10.54
C PRO B 91 19.43 0.21 9.02
N ALA B 92 18.59 0.98 8.32
CA ALA B 92 18.49 0.96 6.87
C ALA B 92 17.56 2.12 6.49
N PRO B 93 17.49 2.48 5.20
CA PRO B 93 16.53 3.51 4.76
C PRO B 93 15.08 3.15 5.14
N ILE B 94 14.22 4.15 5.23
CA ILE B 94 12.82 3.91 5.53
C ILE B 94 12.24 2.89 4.52
N GLY B 95 11.47 1.93 5.04
CA GLY B 95 10.80 0.93 4.21
C GLY B 95 11.64 -0.28 3.80
N PHE B 96 12.94 -0.25 4.09
CA PHE B 96 13.82 -1.32 3.62
C PHE B 96 13.27 -2.66 4.17
N PRO B 97 13.35 -3.75 3.39
CA PRO B 97 12.79 -5.01 3.95
C PRO B 97 13.42 -5.43 5.27
N ASP B 98 12.60 -6.03 6.14
CA ASP B 98 13.04 -6.46 7.45
C ASP B 98 12.84 -7.96 7.68
N LEU B 99 12.77 -8.72 6.60
CA LEU B 99 12.54 -10.15 6.70
C LEU B 99 13.86 -10.88 6.94
N GLY B 100 14.06 -11.31 8.17
CA GLY B 100 15.18 -12.21 8.44
C GLY B 100 14.84 -13.61 8.00
N GLY B 101 15.82 -14.52 8.14
CA GLY B 101 15.53 -15.95 8.00
C GLY B 101 15.09 -16.36 6.61
N CYS B 102 15.62 -15.71 5.58
CA CYS B 102 15.32 -16.04 4.20
C CYS B 102 16.24 -15.31 3.25
N ASP B 103 16.34 -15.77 2.00
CA ASP B 103 16.86 -14.97 0.92
C ASP B 103 15.70 -14.18 0.30
N TRP B 104 16.00 -12.97 -0.18
CA TRP B 104 15.01 -12.14 -0.84
C TRP B 104 15.17 -12.21 -2.32
N HIS B 105 14.08 -11.98 -3.03
CA HIS B 105 14.11 -11.80 -4.47
C HIS B 105 13.34 -10.53 -4.74
N ILE B 106 14.11 -9.49 -5.07
CA ILE B 106 13.59 -8.13 -5.23
C ILE B 106 13.44 -7.80 -6.70
N ASN B 107 12.28 -7.27 -7.08
CA ASN B 107 12.08 -6.91 -8.49
C ASN B 107 12.53 -5.48 -8.69
N MET B 108 13.54 -5.30 -9.56
CA MET B 108 14.19 -4.00 -9.80
C MET B 108 13.69 -3.39 -11.08
N THR B 109 13.27 -2.13 -11.02
CA THR B 109 12.84 -1.40 -12.20
C THR B 109 13.52 -0.04 -12.19
N GLN B 110 13.33 0.71 -13.29
CA GLN B 110 14.02 1.99 -13.46
C GLN B 110 13.14 3.08 -14.03
N PHE B 111 13.37 4.31 -13.57
CA PHE B 111 12.71 5.45 -14.15
C PHE B 111 13.41 5.84 -15.45
N GLY B 112 12.72 5.67 -16.57
CA GLY B 112 13.27 6.06 -17.88
C GLY B 112 13.90 4.93 -18.67
N HIS B 113 13.80 3.70 -18.16
CA HIS B 113 14.28 2.52 -18.88
C HIS B 113 13.26 1.41 -18.85
N SER B 114 13.29 0.57 -19.89
CA SER B 114 12.46 -0.62 -19.91
C SER B 114 13.03 -1.68 -18.96
N SER B 115 12.20 -2.71 -18.74
CA SER B 115 12.61 -3.99 -18.17
C SER B 115 12.58 -4.03 -16.66
N GLN B 116 12.52 -5.25 -16.15
CA GLN B 116 12.69 -5.49 -14.73
C GLN B 116 13.78 -6.54 -14.57
N THR B 117 14.39 -6.59 -13.38
CA THR B 117 15.48 -7.53 -13.12
C THR B 117 15.31 -8.06 -11.72
N GLN B 118 15.43 -9.38 -11.56
CA GLN B 118 15.40 -9.97 -10.24
C GLN B 118 16.76 -9.84 -9.57
N TYR B 119 16.74 -9.26 -8.37
CA TYR B 119 17.91 -9.09 -7.53
C TYR B 119 17.80 -10.12 -6.41
N ASP B 120 18.78 -11.02 -6.32
CA ASP B 120 18.78 -12.10 -5.33
C ASP B 120 19.65 -11.70 -4.15
N VAL B 121 19.05 -11.64 -2.96
CA VAL B 121 19.70 -11.12 -1.77
C VAL B 121 19.88 -12.16 -0.65
N ASP B 122 21.12 -12.52 -0.41
CA ASP B 122 21.51 -13.18 0.81
C ASP B 122 21.88 -12.07 1.81
N THR B 123 21.19 -12.01 2.94
CA THR B 123 21.41 -10.91 3.88
C THR B 123 22.49 -11.24 4.91
N THR B 124 23.12 -12.41 4.77
CA THR B 124 24.13 -12.83 5.77
C THR B 124 25.61 -12.38 5.57
N PRO B 125 26.05 -12.16 4.32
CA PRO B 125 27.51 -11.84 4.20
C PRO B 125 27.89 -10.44 4.70
N ASP B 126 29.20 -10.21 4.90
CA ASP B 126 29.63 -8.92 5.43
C ASP B 126 29.55 -7.78 4.41
N THR B 127 29.20 -8.12 3.17
CA THR B 127 28.91 -7.08 2.15
C THR B 127 27.48 -6.51 2.29
N PHE B 128 26.66 -7.18 3.10
CA PHE B 128 25.28 -6.74 3.28
C PHE B 128 25.26 -5.81 4.48
N VAL B 129 25.44 -4.52 4.21
CA VAL B 129 25.53 -3.53 5.28
C VAL B 129 24.62 -2.34 4.98
N PRO B 130 23.29 -2.58 4.95
CA PRO B 130 22.41 -1.45 4.61
C PRO B 130 22.51 -0.32 5.64
N HIS B 131 22.87 -0.62 6.89
CA HIS B 131 23.00 0.44 7.88
C HIS B 131 24.07 1.47 7.48
N LEU B 132 25.07 1.00 6.74
CA LEU B 132 26.11 1.88 6.20
C LEU B 132 25.82 2.21 4.75
N GLY B 133 24.60 1.88 4.28
CA GLY B 133 24.11 2.35 2.98
C GLY B 133 24.65 1.59 1.79
N SER B 134 25.14 0.37 2.03
CA SER B 134 25.79 -0.43 0.99
C SER B 134 25.38 -1.89 1.08
N ILE B 135 24.94 -2.48 -0.05
CA ILE B 135 24.68 -3.93 -0.13
C ILE B 135 25.27 -4.50 -1.43
N GLN B 136 25.65 -5.77 -1.41
CA GLN B 136 26.25 -6.37 -2.62
C GLN B 136 25.33 -6.30 -3.83
N ALA B 137 25.88 -6.00 -5.00
CA ALA B 137 25.06 -5.91 -6.22
C ALA B 137 24.64 -7.28 -6.73
N ASN B 138 25.40 -8.32 -6.39
CA ASN B 138 25.13 -9.69 -6.87
C ASN B 138 24.68 -9.75 -8.35
N GLY B 139 25.48 -9.13 -9.20
CA GLY B 139 25.25 -9.20 -10.64
C GLY B 139 24.34 -8.14 -11.21
N ILE B 140 23.74 -7.31 -10.37
CA ILE B 140 22.92 -6.22 -10.85
C ILE B 140 23.82 -5.16 -11.52
N GLY B 141 23.58 -4.93 -12.81
CA GLY B 141 24.39 -4.00 -13.61
C GLY B 141 24.30 -2.54 -13.17
N SER B 142 25.29 -1.74 -13.56
CA SER B 142 25.29 -0.33 -13.16
C SER B 142 24.03 0.41 -13.55
N GLY B 143 23.55 1.26 -12.65
CA GLY B 143 22.36 2.05 -12.88
C GLY B 143 21.62 2.32 -11.59
N ASN B 144 20.61 3.17 -11.67
CA ASN B 144 19.78 3.50 -10.52
C ASN B 144 18.50 2.68 -10.62
N TYR B 145 18.09 2.11 -9.49
CA TYR B 145 16.91 1.23 -9.47
C TYR B 145 16.03 1.54 -8.28
N VAL B 146 14.73 1.27 -8.46
CA VAL B 146 13.84 1.06 -7.33
C VAL B 146 13.54 -0.44 -7.31
N GLY B 147 13.52 -1.04 -6.12
CA GLY B 147 13.23 -2.49 -5.99
C GLY B 147 12.13 -2.71 -4.98
N VAL B 148 11.32 -3.74 -5.23
CA VAL B 148 10.29 -4.15 -4.24
C VAL B 148 10.42 -5.65 -4.03
N LEU B 149 10.27 -6.07 -2.77
CA LEU B 149 10.34 -7.50 -2.50
C LEU B 149 9.21 -8.22 -3.24
N SER B 150 9.60 -9.28 -3.95
CA SER B 150 8.67 -10.06 -4.76
C SER B 150 8.36 -11.46 -4.21
N TRP B 151 9.41 -12.21 -3.91
CA TRP B 151 9.24 -13.54 -3.34
C TRP B 151 10.47 -13.87 -2.51
N ILE B 152 10.37 -14.90 -1.68
CA ILE B 152 11.47 -15.29 -0.82
C ILE B 152 11.78 -16.78 -0.99
N SER B 153 12.93 -17.17 -0.45
CA SER B 153 13.36 -18.59 -0.46
C SER B 153 14.23 -18.82 0.77
N PRO B 154 14.58 -20.08 1.06
CA PRO B 154 15.40 -20.36 2.23
C PRO B 154 16.74 -19.59 2.23
N PRO B 155 17.26 -19.30 3.43
CA PRO B 155 18.56 -18.57 3.49
C PRO B 155 19.66 -19.38 2.81
N SER B 156 20.55 -18.69 2.11
CA SER B 156 21.72 -19.34 1.51
C SER B 156 22.68 -19.81 2.59
N HIS B 157 22.72 -19.07 3.70
CA HIS B 157 23.56 -19.43 4.85
C HIS B 157 22.78 -19.16 6.12
N PRO B 158 22.92 -20.01 7.14
CA PRO B 158 23.64 -21.29 7.15
C PRO B 158 22.95 -22.28 6.21
N SER B 159 23.72 -23.13 5.53
CA SER B 159 23.16 -24.18 4.67
C SER B 159 22.07 -24.98 5.39
N GLY B 160 20.97 -25.22 4.68
CA GLY B 160 19.86 -26.04 5.20
C GLY B 160 19.00 -25.39 6.27
N SER B 161 19.22 -24.09 6.54
CA SER B 161 18.40 -23.34 7.48
CA SER B 161 18.39 -23.35 7.48
C SER B 161 16.96 -23.24 6.97
N GLN B 162 16.02 -23.17 7.91
CA GLN B 162 14.62 -23.01 7.59
C GLN B 162 14.31 -21.55 7.26
N VAL B 163 13.17 -21.34 6.62
CA VAL B 163 12.62 -19.99 6.51
C VAL B 163 11.97 -19.63 7.83
N ASP B 164 12.45 -18.53 8.43
CA ASP B 164 12.00 -18.10 9.73
C ASP B 164 11.74 -16.60 9.72
N LEU B 165 10.50 -16.24 9.42
CA LEU B 165 10.14 -14.86 9.22
C LEU B 165 9.90 -14.12 10.55
N TRP B 166 10.10 -14.80 11.69
CA TRP B 166 10.07 -14.12 12.99
C TRP B 166 11.35 -13.32 13.21
N LYS B 167 12.31 -13.53 12.31
CA LYS B 167 13.64 -12.90 12.41
C LYS B 167 13.67 -11.62 11.61
N ILE B 168 14.67 -10.79 11.94
CA ILE B 168 15.08 -9.63 11.12
C ILE B 168 16.49 -9.87 10.60
N PRO B 169 16.88 -9.20 9.51
CA PRO B 169 18.24 -9.41 8.95
C PRO B 169 19.31 -8.74 9.77
N ASN B 170 20.55 -9.11 9.48
CA ASN B 170 21.69 -8.43 10.08
C ASN B 170 22.02 -7.20 9.27
N TYR B 171 21.61 -6.04 9.76
CA TYR B 171 21.76 -4.79 9.03
C TYR B 171 23.17 -4.19 9.03
N GLY B 172 23.99 -4.66 9.96
CA GLY B 172 25.35 -4.15 10.12
C GLY B 172 26.40 -5.09 9.57
N SER B 173 27.68 -4.69 9.71
CA SER B 173 28.79 -5.52 9.22
C SER B 173 28.94 -6.81 10.02
N SER B 174 28.55 -6.76 11.28
CA SER B 174 28.45 -7.92 12.14
C SER B 174 27.23 -7.74 13.06
N ILE B 175 26.83 -8.80 13.74
CA ILE B 175 25.70 -8.75 14.68
C ILE B 175 26.00 -7.89 15.91
N THR B 176 27.28 -7.57 16.09
CA THR B 176 27.73 -6.79 17.23
C THR B 176 27.71 -5.29 16.95
N GLU B 177 27.63 -4.89 15.67
CA GLU B 177 27.55 -3.48 15.29
C GLU B 177 26.20 -2.87 15.66
N ALA B 178 26.21 -1.71 16.32
CA ALA B 178 24.96 -1.04 16.67
C ALA B 178 24.39 -0.40 15.41
N THR B 179 23.08 -0.57 15.22
CA THR B 179 22.43 -0.11 13.99
C THR B 179 21.17 0.69 14.28
N HIS B 180 20.93 1.07 15.55
CA HIS B 180 19.75 1.83 15.95
C HIS B 180 18.47 1.07 15.70
N LEU B 181 18.48 -0.23 15.98
CA LEU B 181 17.25 -1.05 15.84
C LEU B 181 16.15 -0.52 16.75
N ALA B 182 14.91 -0.52 16.28
CA ALA B 182 13.80 -0.33 17.19
C ALA B 182 13.86 -1.49 18.21
N PRO B 183 13.48 -1.22 19.47
CA PRO B 183 13.59 -2.25 20.50
C PRO B 183 12.65 -3.44 20.29
N SER B 184 12.98 -4.56 20.94
CA SER B 184 12.15 -5.74 20.87
C SER B 184 10.84 -5.54 21.61
N VAL B 185 9.84 -6.29 21.16
CA VAL B 185 8.53 -6.34 21.78
C VAL B 185 8.39 -7.70 22.47
N TYR B 186 7.99 -7.67 23.74
CA TYR B 186 7.85 -8.89 24.55
C TYR B 186 6.39 -9.18 24.92
N PRO B 187 6.01 -10.48 25.00
CA PRO B 187 4.70 -10.80 25.57
C PRO B 187 4.62 -10.20 26.99
N PRO B 188 3.50 -9.55 27.34
CA PRO B 188 3.55 -8.81 28.61
C PRO B 188 3.30 -9.62 29.89
N GLY B 189 3.04 -10.91 29.75
CA GLY B 189 2.85 -11.78 30.91
C GLY B 189 1.40 -12.15 31.14
N PHE B 190 1.17 -12.84 32.26
CA PHE B 190 -0.18 -13.15 32.76
C PHE B 190 -1.06 -13.87 31.74
N GLY B 191 -0.47 -14.78 30.99
CA GLY B 191 -1.23 -15.60 30.04
C GLY B 191 -1.50 -14.94 28.70
N GLU B 192 -1.12 -13.66 28.55
CA GLU B 192 -1.35 -12.93 27.29
C GLU B 192 -0.25 -13.27 26.29
N VAL B 193 -0.65 -13.47 25.03
CA VAL B 193 0.29 -13.76 23.95
C VAL B 193 0.19 -12.63 22.93
N LEU B 194 1.29 -12.36 22.25
CA LEU B 194 1.28 -11.35 21.18
C LEU B 194 0.43 -11.86 20.03
N VAL B 195 -0.30 -10.94 19.39
CA VAL B 195 -1.14 -11.29 18.26
C VAL B 195 -0.47 -10.73 16.99
N PHE B 196 -0.37 -11.58 15.98
CA PHE B 196 0.27 -11.26 14.70
C PHE B 196 -0.74 -11.32 13.57
N PHE B 197 -0.55 -10.45 12.59
CA PHE B 197 -1.36 -10.39 11.38
C PHE B 197 -0.53 -11.03 10.31
N MET B 198 -1.09 -12.06 9.67
CA MET B 198 -0.34 -12.92 8.79
C MET B 198 -0.71 -12.75 7.33
N SER B 199 0.28 -12.91 6.46
CA SER B 199 0.07 -12.92 5.01
C SER B 199 0.83 -14.06 4.34
N LYS B 200 0.25 -14.59 3.28
CA LYS B 200 0.97 -15.59 2.48
C LYS B 200 2.00 -14.90 1.61
N MET B 201 3.23 -15.38 1.66
CA MET B 201 4.31 -14.81 0.85
C MET B 201 4.71 -15.79 -0.24
N PRO B 202 4.74 -15.36 -1.51
CA PRO B 202 5.18 -16.30 -2.55
C PRO B 202 6.62 -16.79 -2.40
N GLY B 203 6.88 -17.94 -3.01
CA GLY B 203 8.17 -18.63 -2.90
C GLY B 203 7.94 -20.12 -2.74
N PRO B 204 9.02 -20.91 -2.79
CA PRO B 204 8.93 -22.39 -2.81
C PRO B 204 8.61 -23.04 -1.46
N GLY B 205 7.60 -22.53 -0.77
CA GLY B 205 7.15 -23.11 0.48
C GLY B 205 5.90 -22.41 0.96
N ALA B 206 5.31 -22.93 2.04
CA ALA B 206 4.09 -22.39 2.58
C ALA B 206 4.45 -21.28 3.55
N TYR B 207 4.90 -20.16 3.00
CA TYR B 207 5.43 -19.08 3.84
C TYR B 207 4.37 -18.11 4.33
N ASN B 208 4.45 -17.81 5.61
CA ASN B 208 3.50 -16.93 6.26
C ASN B 208 4.25 -15.84 6.97
N LEU B 209 3.98 -14.60 6.58
CA LEU B 209 4.71 -13.44 7.13
C LEU B 209 3.91 -12.76 8.24
N PRO B 210 4.45 -12.72 9.47
CA PRO B 210 3.76 -12.03 10.58
C PRO B 210 4.11 -10.56 10.68
N CYS B 211 3.16 -9.74 11.11
CA CYS B 211 3.46 -8.36 11.48
C CYS B 211 2.68 -7.96 12.72
N LEU B 212 3.10 -6.91 13.41
CA LEU B 212 2.39 -6.50 14.62
C LEU B 212 1.12 -5.71 14.41
N LEU B 213 1.05 -4.95 13.30
CA LEU B 213 -0.13 -4.12 12.98
C LEU B 213 -0.32 -4.10 11.47
N PRO B 214 -1.56 -4.17 10.98
CA PRO B 214 -1.78 -3.95 9.55
C PRO B 214 -1.31 -2.55 9.15
N GLN B 215 -0.86 -2.41 7.91
CA GLN B 215 -0.33 -1.11 7.49
C GLN B 215 -1.37 0.02 7.65
N GLU B 216 -2.65 -0.27 7.41
CA GLU B 216 -3.67 0.77 7.46
C GLU B 216 -3.89 1.23 8.91
N TYR B 217 -3.53 0.36 9.87
CA TYR B 217 -3.56 0.81 11.27
C TYR B 217 -2.47 1.84 11.55
N ILE B 218 -1.31 1.64 10.91
CA ILE B 218 -0.19 2.55 11.09
C ILE B 218 -0.52 3.95 10.51
N SER B 219 -1.07 4.02 9.29
CA SER B 219 -1.43 5.33 8.76
CA SER B 219 -1.47 5.31 8.73
C SER B 219 -2.56 5.95 9.57
N HIS B 220 -3.51 5.13 10.04
CA HIS B 220 -4.56 5.66 10.91
C HIS B 220 -4.01 6.26 12.19
N LEU B 221 -3.13 5.51 12.86
CA LEU B 221 -2.60 6.01 14.15
C LEU B 221 -1.70 7.21 13.95
N ALA B 222 -0.93 7.22 12.85
CA ALA B 222 -0.03 8.35 12.55
C ALA B 222 -0.82 9.60 12.23
N SER B 223 -2.02 9.43 11.68
CA SER B 223 -2.90 10.54 11.38
C SER B 223 -3.58 11.02 12.64
N GLU B 224 -4.13 10.07 13.41
CA GLU B 224 -4.94 10.42 14.57
C GLU B 224 -4.15 11.12 15.66
N GLN B 225 -2.92 10.67 15.89
CA GLN B 225 -2.04 11.30 16.89
C GLN B 225 -2.73 11.44 18.25
N ALA B 226 -3.40 10.37 18.69
CA ALA B 226 -4.22 10.37 19.91
C ALA B 226 -3.52 11.07 21.08
N PRO B 227 -4.17 12.10 21.64
CA PRO B 227 -3.64 12.86 22.78
C PRO B 227 -3.87 12.19 24.15
N THR B 228 -4.68 11.12 24.21
CA THR B 228 -5.12 10.56 25.51
C THR B 228 -4.91 9.03 25.71
N ILE B 229 -3.77 8.52 25.24
CA ILE B 229 -3.42 7.10 25.43
C ILE B 229 -3.24 6.71 26.91
N GLY B 230 -3.96 5.66 27.33
CA GLY B 230 -3.89 5.09 28.70
C GLY B 230 -2.91 3.92 28.81
N GLU B 231 -3.04 3.07 29.82
CA GLU B 231 -2.07 1.96 30.03
C GLU B 231 -2.23 0.82 29.04
N ALA B 232 -3.49 0.54 28.69
CA ALA B 232 -3.84 -0.48 27.72
C ALA B 232 -5.23 -0.16 27.21
N ALA B 233 -5.44 -0.43 25.91
CA ALA B 233 -6.76 -0.26 25.31
C ALA B 233 -7.45 -1.61 25.29
N LEU B 234 -8.59 -1.69 25.96
CA LEU B 234 -9.44 -2.85 25.85
C LEU B 234 -10.19 -2.77 24.49
N LEU B 235 -10.07 -3.82 23.69
CA LEU B 235 -10.73 -3.90 22.39
C LEU B 235 -11.70 -5.08 22.36
N HIS B 236 -12.72 -4.97 21.51
CA HIS B 236 -13.48 -6.14 21.10
C HIS B 236 -13.22 -6.41 19.62
N TYR B 237 -13.12 -7.68 19.26
CA TYR B 237 -13.02 -8.09 17.87
C TYR B 237 -14.47 -8.38 17.46
N VAL B 238 -15.02 -7.56 16.57
CA VAL B 238 -16.48 -7.58 16.33
C VAL B 238 -16.83 -8.07 14.93
N ASP B 239 -17.86 -8.91 14.84
CA ASP B 239 -18.47 -9.20 13.55
C ASP B 239 -19.33 -8.00 13.16
N PRO B 240 -19.00 -7.33 12.04
CA PRO B 240 -19.69 -6.09 11.64
C PRO B 240 -21.21 -6.21 11.42
N ASP B 241 -21.65 -7.32 10.83
CA ASP B 241 -23.06 -7.51 10.51
C ASP B 241 -23.94 -7.74 11.75
N THR B 242 -23.54 -8.71 12.57
CA THR B 242 -24.30 -9.12 13.74
C THR B 242 -23.97 -8.25 14.93
N GLY B 243 -22.80 -7.60 14.88
CA GLY B 243 -22.32 -6.77 15.99
C GLY B 243 -21.80 -7.63 17.15
N ARG B 244 -21.67 -8.92 16.92
CA ARG B 244 -21.26 -9.84 17.99
C ARG B 244 -19.79 -9.64 18.37
N ASN B 245 -19.54 -9.57 19.67
CA ASN B 245 -18.20 -9.55 20.22
C ASN B 245 -17.56 -10.94 20.18
N LEU B 246 -16.56 -11.10 19.33
CA LEU B 246 -15.92 -12.39 19.09
C LEU B 246 -14.79 -12.68 20.07
N GLY B 247 -14.36 -11.63 20.79
CA GLY B 247 -13.37 -11.78 21.85
C GLY B 247 -12.70 -10.48 22.27
N GLU B 248 -12.16 -10.50 23.49
CA GLU B 248 -11.50 -9.36 24.10
C GLU B 248 -10.01 -9.40 23.81
N PHE B 249 -9.47 -8.23 23.45
CA PHE B 249 -8.03 -8.10 23.19
C PHE B 249 -7.56 -6.85 23.91
N LYS B 250 -6.25 -6.72 24.08
CA LYS B 250 -5.68 -5.46 24.59
C LYS B 250 -4.67 -4.92 23.57
N ALA B 251 -4.70 -3.60 23.34
CA ALA B 251 -3.60 -2.95 22.62
C ALA B 251 -2.74 -2.17 23.60
N TYR B 252 -1.44 -2.34 23.47
CA TYR B 252 -0.50 -1.62 24.35
C TYR B 252 0.10 -0.41 23.68
N PRO B 253 0.46 0.63 24.48
CA PRO B 253 0.99 1.88 23.94
C PRO B 253 2.13 1.69 22.92
N ASP B 254 3.01 0.72 23.11
CA ASP B 254 4.12 0.54 22.17
C ASP B 254 3.71 0.00 20.79
N GLY B 255 2.43 -0.37 20.63
CA GLY B 255 1.91 -0.69 19.29
C GLY B 255 1.74 -2.15 18.96
N PHE B 256 1.22 -2.92 19.90
CA PHE B 256 0.96 -4.33 19.67
C PHE B 256 -0.30 -4.75 20.42
N LEU B 257 -0.88 -5.84 19.92
CA LEU B 257 -2.10 -6.41 20.50
C LEU B 257 -1.80 -7.74 21.19
N THR B 258 -2.60 -8.05 22.21
CA THR B 258 -2.51 -9.37 22.84
C THR B 258 -3.91 -9.92 23.08
N CYS B 259 -3.95 -11.22 23.36
CA CYS B 259 -5.15 -11.84 23.89
C CYS B 259 -4.72 -13.01 24.76
N VAL B 260 -5.70 -13.64 25.42
CA VAL B 260 -5.45 -14.88 26.17
C VAL B 260 -6.19 -15.98 25.42
N PRO B 261 -5.44 -16.91 24.78
CA PRO B 261 -6.09 -18.02 24.08
C PRO B 261 -6.91 -18.91 25.02
N ASN B 262 -7.92 -19.57 24.45
CA ASN B 262 -8.70 -20.56 25.17
C ASN B 262 -8.18 -21.94 24.82
N GLY B 263 -6.91 -22.17 25.16
CA GLY B 263 -6.24 -23.44 24.85
C GLY B 263 -5.40 -23.39 23.58
N ALA B 264 -4.52 -24.38 23.43
CA ALA B 264 -3.61 -24.46 22.28
C ALA B 264 -4.33 -24.63 20.94
N SER B 265 -5.54 -25.19 21.00
CA SER B 265 -6.31 -25.51 19.81
C SER B 265 -7.30 -24.41 19.43
N SER B 266 -7.44 -23.41 20.32
CA SER B 266 -8.41 -22.34 20.14
C SER B 266 -7.86 -20.96 20.59
N GLY B 267 -7.46 -20.15 19.60
CA GLY B 267 -6.86 -18.83 19.86
C GLY B 267 -7.23 -17.87 18.74
N PRO B 268 -6.46 -16.78 18.57
CA PRO B 268 -6.83 -15.80 17.55
C PRO B 268 -6.84 -16.38 16.12
N GLN B 269 -6.00 -17.38 15.88
CA GLN B 269 -5.97 -18.10 14.59
C GLN B 269 -7.30 -18.80 14.21
N GLN B 270 -8.14 -19.11 15.21
CA GLN B 270 -9.44 -19.74 14.96
C GLN B 270 -10.59 -18.76 14.74
N LEU B 271 -10.31 -17.46 14.89
CA LEU B 271 -11.32 -16.42 14.67
C LEU B 271 -11.45 -16.14 13.18
N PRO B 272 -12.65 -15.72 12.75
CA PRO B 272 -12.78 -15.32 11.34
C PRO B 272 -11.93 -14.09 11.11
N ILE B 273 -11.49 -13.90 9.87
CA ILE B 273 -10.56 -12.80 9.59
C ILE B 273 -11.30 -11.56 9.07
N ASN B 274 -12.63 -11.64 8.97
CA ASN B 274 -13.41 -10.51 8.48
C ASN B 274 -13.99 -9.61 9.59
N GLY B 275 -13.41 -9.70 10.79
CA GLY B 275 -13.85 -8.90 11.92
C GLY B 275 -13.16 -7.56 11.95
N VAL B 276 -13.62 -6.71 12.85
CA VAL B 276 -13.14 -5.35 13.04
C VAL B 276 -12.74 -5.20 14.50
N PHE B 277 -11.56 -4.65 14.77
CA PHE B 277 -11.22 -4.32 16.15
C PHE B 277 -11.83 -2.99 16.53
N VAL B 278 -12.48 -2.95 17.69
CA VAL B 278 -13.15 -1.74 18.17
C VAL B 278 -12.63 -1.37 19.55
N PHE B 279 -12.21 -0.12 19.70
CA PHE B 279 -11.82 0.40 20.99
C PHE B 279 -13.03 0.48 21.91
N VAL B 280 -12.87 -0.12 23.10
CA VAL B 280 -13.91 -0.09 24.13
C VAL B 280 -13.60 0.96 25.21
N SER B 281 -12.42 0.85 25.83
CA SER B 281 -12.03 1.78 26.90
C SER B 281 -10.56 1.59 27.27
N TRP B 282 -10.01 2.58 27.97
CA TRP B 282 -8.69 2.45 28.60
C TRP B 282 -8.81 1.65 29.88
N VAL B 283 -7.87 0.73 30.06
CA VAL B 283 -7.86 -0.15 31.24
C VAL B 283 -6.45 -0.24 31.82
N SER B 284 -6.34 -0.80 33.03
CA SER B 284 -5.06 -1.05 33.66
C SER B 284 -4.21 -1.98 32.79
N ARG B 285 -2.89 -1.80 32.86
CA ARG B 285 -1.94 -2.73 32.26
C ARG B 285 -2.24 -4.18 32.64
N PHE B 286 -2.73 -4.37 33.87
CA PHE B 286 -2.98 -5.70 34.43
C PHE B 286 -4.42 -6.20 34.28
N TYR B 287 -5.24 -5.46 33.54
CA TYR B 287 -6.62 -5.87 33.27
C TYR B 287 -6.61 -7.29 32.75
N GLN B 288 -7.39 -8.16 33.38
CA GLN B 288 -7.38 -9.57 33.02
C GLN B 288 -8.43 -9.84 31.95
N LEU B 289 -7.98 -10.32 30.79
CA LEU B 289 -8.86 -10.61 29.66
C LEU B 289 -9.60 -11.94 29.80
N LYS B 290 -10.84 -11.97 29.29
CA LYS B 290 -11.58 -13.21 29.13
C LYS B 290 -10.93 -13.95 27.96
N PRO B 291 -10.62 -15.25 28.14
CA PRO B 291 -9.97 -16.00 27.06
C PRO B 291 -10.81 -15.98 25.78
N VAL B 292 -10.15 -16.00 24.63
CA VAL B 292 -10.84 -16.10 23.36
C VAL B 292 -11.53 -17.48 23.27
CA CA C . -10.18 -5.15 -24.88
C ACT D . -1.23 -10.90 -3.01
O ACT D . -1.24 -12.06 -2.57
OXT ACT D . -0.13 -10.29 -3.05
CH3 ACT D . -2.50 -10.28 -3.49
C ACT E . -6.61 2.41 -24.09
O ACT E . -7.81 2.29 -24.48
OXT ACT E . -6.17 1.58 -23.29
CH3 ACT E . -5.75 3.50 -24.62
MG MG F . -3.59 15.27 4.07
MG MG G . -10.25 -3.10 12.35
C ACT H . 18.76 -13.74 9.62
O ACT H . 18.18 -14.85 9.77
OXT ACT H . 18.55 -13.15 8.53
CH3 ACT H . 19.65 -13.20 10.69
CA CA I . 1.92 5.72 22.55
#